data_8VDK
#
_entry.id   8VDK
#
_cell.length_a   43.054
_cell.length_b   72.825
_cell.length_c   148.453
_cell.angle_alpha   90.000
_cell.angle_beta   90.000
_cell.angle_gamma   90.000
#
_symmetry.space_group_name_H-M   'P 21 21 21'
#
loop_
_entity.id
_entity.type
_entity.pdbx_description
1 polymer 'Serine-aspartate repeat-containing protein D'
2 non-polymer GLYCEROL
3 non-polymer 1,2-ETHANEDIOL
4 non-polymer 'CALCIUM ION'
5 water water
#
_entity_poly.entity_id   1
_entity_poly.type   'polypeptide(L)'
_entity_poly.pdbx_seq_one_letter_code
;SKNVNDLITSNTTLTVVDADNSKTIVPAQDYLSLKSQITVDDKVKSGDYFTIKYSDTVQVYGLNPEDIKNIGDIKDPNNG
ETIATAKHDTANNLITYTFTDYVDRFNSVKMGINYSIYMDADTIPVDKKDVPFSVTIGNQITTTTADITYPAYKEADNNS
IGSAFTETVSHVGNVEDPGYYNQVVYVNPMDKDLKGAKLKVEAYHPKYPTNIGQINQNVTNIKIYRVPEGYTLNKGYDVN
TNDLVDVTDEFKNKMTYGSNQSVNLDFGDITSAYVVMVNTKFQYTNSESPTLVQMATLSSTGNKSVSTGNALGFTNNQSG
GAGQEVYKIGNYVWEDTNKNGVQELGEKGVGNVTVTVFDNNTNTKVGEAVTKEDGSYLIPNLPNGDYRVEFSNLPKGYEV
TPSKQGNNEELDSNGLSSVITVNGKDNLSADLGIYKPKYNLGDY
;
_entity_poly.pdbx_strand_id   A
#
# COMPACT_ATOMS: atom_id res chain seq x y z
N SER A 1 -12.26 23.09 11.37
CA SER A 1 -11.29 22.22 10.73
C SER A 1 -9.89 22.81 10.78
N LYS A 2 -9.04 22.33 11.67
N LYS A 2 -9.07 22.23 11.66
CA LYS A 2 -7.69 22.86 11.69
CA LYS A 2 -7.75 22.74 12.02
C LYS A 2 -6.70 21.75 11.93
C LYS A 2 -6.69 21.66 11.88
N ASN A 3 -5.44 22.10 11.66
CA ASN A 3 -4.30 21.21 11.85
C ASN A 3 -4.14 20.94 13.34
N VAL A 4 -4.15 19.67 13.74
CA VAL A 4 -4.01 19.33 15.15
C VAL A 4 -2.77 18.46 15.36
N ASN A 5 -1.73 18.69 14.58
CA ASN A 5 -0.45 18.03 14.82
C ASN A 5 0.04 18.24 16.25
N ASP A 6 -0.27 19.39 16.86
CA ASP A 6 0.16 19.62 18.23
C ASP A 6 -0.79 19.05 19.28
N LEU A 7 -1.80 18.28 18.86
CA LEU A 7 -2.71 17.63 19.79
C LEU A 7 -2.68 16.12 19.64
N ILE A 8 -1.69 15.57 18.94
CA ILE A 8 -1.42 14.15 18.95
C ILE A 8 0.01 13.94 19.44
N THR A 9 0.25 12.77 20.01
CA THR A 9 1.59 12.39 20.41
C THR A 9 1.70 10.88 20.25
N SER A 10 2.89 10.41 19.90
CA SER A 10 3.01 9.05 19.38
C SER A 10 4.29 8.38 19.86
N ASN A 11 4.24 7.04 19.88
CA ASN A 11 5.43 6.21 20.06
C ASN A 11 5.67 5.52 18.72
N THR A 12 6.69 5.98 17.99
CA THR A 12 6.90 5.61 16.61
C THR A 12 8.23 4.88 16.46
N THR A 13 8.23 3.83 15.63
CA THR A 13 9.47 3.19 15.22
C THR A 13 9.54 3.16 13.70
N LEU A 14 10.74 3.36 13.16
CA LEU A 14 11.00 3.30 11.73
C LEU A 14 12.24 2.43 11.57
N THR A 15 12.07 1.25 10.98
CA THR A 15 13.10 0.22 11.01
C THR A 15 13.46 -0.19 9.59
N VAL A 16 14.75 -0.13 9.27
CA VAL A 16 15.25 -0.63 7.98
C VAL A 16 15.25 -2.16 8.05
N VAL A 17 14.55 -2.80 7.13
CA VAL A 17 14.50 -4.26 7.06
C VAL A 17 15.34 -4.71 5.89
N ASP A 18 16.34 -5.55 6.17
CA ASP A 18 17.16 -6.22 5.16
C ASP A 18 16.37 -7.44 4.70
N ALA A 19 15.48 -7.22 3.73
CA ALA A 19 14.44 -8.21 3.41
C ALA A 19 15.03 -9.49 2.85
N ASP A 20 16.11 -9.40 2.09
CA ASP A 20 16.75 -10.56 1.49
C ASP A 20 17.96 -11.04 2.28
N ASN A 21 18.17 -10.48 3.47
CA ASN A 21 19.28 -10.89 4.34
C ASN A 21 20.62 -10.84 3.59
N SER A 22 20.78 -9.81 2.77
CA SER A 22 21.99 -9.70 1.96
C SER A 22 23.15 -9.06 2.72
N LYS A 23 22.90 -8.50 3.90
CA LYS A 23 23.86 -7.69 4.64
C LYS A 23 24.21 -6.40 3.90
N THR A 24 23.37 -6.01 2.95
CA THR A 24 23.46 -4.74 2.25
C THR A 24 22.04 -4.18 2.14
N ILE A 25 21.94 -2.85 2.10
CA ILE A 25 20.65 -2.19 1.98
C ILE A 25 20.55 -1.58 0.59
N VAL A 26 19.55 -2.04 -0.17
CA VAL A 26 19.33 -1.61 -1.54
C VAL A 26 17.86 -1.22 -1.67
N PRO A 27 17.54 -0.02 -2.17
CA PRO A 27 16.12 0.37 -2.29
C PRO A 27 15.27 -0.63 -3.06
N ALA A 28 15.83 -1.27 -4.09
CA ALA A 28 15.04 -2.20 -4.88
C ALA A 28 14.69 -3.48 -4.13
N GLN A 29 15.48 -3.85 -3.11
CA GLN A 29 15.29 -5.14 -2.44
C GLN A 29 14.73 -5.04 -1.03
N ASP A 30 15.00 -3.95 -0.33
CA ASP A 30 14.70 -3.84 1.08
C ASP A 30 13.56 -2.84 1.28
N TYR A 31 13.18 -2.61 2.53
CA TYR A 31 12.06 -1.71 2.80
C TYR A 31 12.15 -1.20 4.23
N LEU A 32 11.18 -0.35 4.59
CA LEU A 32 11.12 0.30 5.88
C LEU A 32 9.83 -0.11 6.57
N SER A 33 9.93 -0.53 7.83
CA SER A 33 8.77 -0.84 8.65
C SER A 33 8.46 0.36 9.54
N LEU A 34 7.29 0.95 9.36
CA LEU A 34 6.85 2.09 10.16
C LEU A 34 5.71 1.62 11.05
N LYS A 35 5.85 1.83 12.35
CA LYS A 35 4.81 1.47 13.30
C LYS A 35 4.64 2.64 14.28
N SER A 36 3.39 2.93 14.63
CA SER A 36 3.17 3.99 15.60
C SER A 36 1.90 3.75 16.38
N GLN A 37 1.95 4.03 17.68
N GLN A 37 1.94 4.13 17.66
CA GLN A 37 0.77 4.15 18.51
CA GLN A 37 0.80 4.16 18.56
C GLN A 37 0.55 5.63 18.78
C GLN A 37 0.51 5.63 18.87
N ILE A 38 -0.59 6.15 18.34
CA ILE A 38 -0.87 7.58 18.35
C ILE A 38 -1.97 7.86 19.37
N THR A 39 -1.71 8.80 20.28
CA THR A 39 -2.66 9.21 21.30
C THR A 39 -3.21 10.59 20.90
N VAL A 40 -4.53 10.70 20.85
CA VAL A 40 -5.22 11.87 20.32
C VAL A 40 -5.86 12.63 21.47
N ASP A 41 -5.61 13.93 21.56
CA ASP A 41 -6.18 14.73 22.63
C ASP A 41 -7.70 14.80 22.50
N ASP A 42 -8.39 14.83 23.64
CA ASP A 42 -9.84 14.92 23.64
C ASP A 42 -10.35 16.17 22.94
N LYS A 43 -9.53 17.23 22.87
CA LYS A 43 -9.97 18.46 22.23
C LYS A 43 -10.13 18.32 20.72
N VAL A 44 -9.54 17.28 20.12
CA VAL A 44 -9.65 17.07 18.68
C VAL A 44 -11.10 16.77 18.31
N LYS A 45 -11.56 17.38 17.21
CA LYS A 45 -12.94 17.17 16.77
C LYS A 45 -12.95 16.78 15.30
N SER A 46 -14.09 16.24 14.85
CA SER A 46 -14.21 15.79 13.47
C SER A 46 -13.90 16.93 12.50
N GLY A 47 -13.20 16.59 11.42
CA GLY A 47 -12.74 17.58 10.47
C GLY A 47 -11.37 18.15 10.76
N ASP A 48 -10.91 18.08 12.02
CA ASP A 48 -9.51 18.34 12.29
C ASP A 48 -8.64 17.28 11.60
N TYR A 49 -7.37 17.61 11.39
CA TYR A 49 -6.52 16.70 10.65
C TYR A 49 -5.10 16.74 11.19
N PHE A 50 -4.37 15.65 10.98
CA PHE A 50 -2.94 15.61 11.26
C PHE A 50 -2.23 15.08 10.03
N THR A 51 -0.91 15.27 10.00
CA THR A 51 -0.14 14.88 8.84
C THR A 51 0.95 13.89 9.21
N ILE A 52 1.29 13.05 8.25
CA ILE A 52 2.50 12.26 8.26
C ILE A 52 3.33 12.73 7.07
N LYS A 53 4.49 13.29 7.35
CA LYS A 53 5.41 13.79 6.34
C LYS A 53 6.63 12.87 6.32
N TYR A 54 7.12 12.55 5.13
CA TYR A 54 8.29 11.69 5.03
C TYR A 54 9.36 12.36 4.18
N SER A 55 10.61 11.97 4.44
CA SER A 55 11.74 12.64 3.81
C SER A 55 11.85 12.26 2.33
N ASP A 56 12.74 12.97 1.63
CA ASP A 56 12.93 12.76 0.19
C ASP A 56 13.41 11.35 -0.14
N THR A 57 13.98 10.65 0.83
CA THR A 57 14.48 9.30 0.63
C THR A 57 13.43 8.22 0.89
N VAL A 58 12.17 8.62 1.11
CA VAL A 58 11.09 7.70 1.45
C VAL A 58 9.97 7.84 0.43
N GLN A 59 9.35 6.71 0.08
CA GLN A 59 8.12 6.74 -0.71
C GLN A 59 7.16 5.69 -0.16
N VAL A 60 5.87 5.87 -0.44
CA VAL A 60 4.83 5.06 0.21
C VAL A 60 4.39 3.89 -0.65
N TYR A 61 5.11 3.59 -1.74
CA TYR A 61 4.84 2.41 -2.53
C TYR A 61 6.15 1.93 -3.12
N GLY A 62 6.15 0.68 -3.59
CA GLY A 62 7.35 0.12 -4.16
C GLY A 62 7.31 0.11 -5.68
N LEU A 63 7.30 -1.08 -6.28
CA LEU A 63 7.21 -1.14 -7.73
C LEU A 63 5.80 -0.84 -8.24
N ASN A 64 4.77 -1.07 -7.41
CA ASN A 64 3.40 -0.88 -7.84
C ASN A 64 2.83 0.40 -7.25
N PRO A 65 2.65 1.46 -8.05
CA PRO A 65 2.09 2.71 -7.50
C PRO A 65 0.69 2.54 -6.92
N GLU A 66 -0.06 1.54 -7.35
CA GLU A 66 -1.40 1.33 -6.81
C GLU A 66 -1.38 0.78 -5.40
N ASP A 67 -0.22 0.32 -4.91
CA ASP A 67 -0.07 -0.12 -3.53
C ASP A 67 -0.25 1.02 -2.53
N ILE A 68 -0.39 2.26 -3.00
CA ILE A 68 -0.69 3.37 -2.12
C ILE A 68 -1.98 3.11 -1.35
N LYS A 69 -2.88 2.29 -1.92
CA LYS A 69 -4.12 1.96 -1.25
C LYS A 69 -3.91 1.15 0.02
N ASN A 70 -2.74 0.50 0.17
CA ASN A 70 -2.45 -0.23 1.39
C ASN A 70 -2.27 0.70 2.59
N ILE A 71 -1.97 1.97 2.32
CA ILE A 71 -1.83 2.95 3.39
C ILE A 71 -3.06 3.83 3.32
N GLY A 72 -4.08 3.48 4.10
CA GLY A 72 -5.39 4.08 3.97
C GLY A 72 -5.93 4.56 5.29
N ASP A 73 -7.27 4.56 5.38
CA ASP A 73 -7.95 5.09 6.56
C ASP A 73 -7.51 4.36 7.81
N ILE A 74 -7.49 5.09 8.92
CA ILE A 74 -7.16 4.52 10.22
C ILE A 74 -8.46 4.08 10.89
N LYS A 75 -8.52 2.81 11.27
CA LYS A 75 -9.75 2.23 11.80
C LYS A 75 -9.52 1.71 13.21
N ASP A 76 -10.61 1.64 13.97
CA ASP A 76 -10.66 1.00 15.27
C ASP A 76 -10.87 -0.49 15.03
N PRO A 77 -9.90 -1.34 15.34
CA PRO A 77 -10.05 -2.77 15.03
C PRO A 77 -11.08 -3.47 15.91
N ASN A 78 -11.42 -2.89 17.07
CA ASN A 78 -12.41 -3.52 17.94
C ASN A 78 -13.83 -3.36 17.40
N ASN A 79 -14.16 -2.19 16.84
CA ASN A 79 -15.55 -1.90 16.49
C ASN A 79 -15.77 -1.57 15.01
N GLY A 80 -14.72 -1.60 14.19
CA GLY A 80 -14.87 -1.46 12.75
C GLY A 80 -15.07 -0.05 12.25
N GLU A 81 -15.03 0.96 13.12
CA GLU A 81 -15.27 2.33 12.70
C GLU A 81 -13.99 3.00 12.22
N THR A 82 -14.15 3.92 11.28
CA THR A 82 -13.03 4.72 10.80
C THR A 82 -12.80 5.90 11.74
N ILE A 83 -11.56 6.04 12.20
CA ILE A 83 -11.16 7.14 13.09
C ILE A 83 -10.71 8.36 12.28
N ALA A 84 -9.98 8.13 11.19
CA ALA A 84 -9.48 9.22 10.36
C ALA A 84 -9.31 8.70 8.94
N THR A 85 -9.68 9.52 7.96
CA THR A 85 -9.55 9.16 6.56
C THR A 85 -8.24 9.71 6.00
N ALA A 86 -7.60 8.93 5.15
CA ALA A 86 -6.27 9.24 4.64
C ALA A 86 -6.34 9.81 3.22
N LYS A 87 -5.56 10.86 2.98
CA LYS A 87 -5.42 11.46 1.66
C LYS A 87 -3.94 11.65 1.38
N HIS A 88 -3.43 10.98 0.35
CA HIS A 88 -2.03 11.08 -0.03
C HIS A 88 -1.81 12.26 -0.96
N ASP A 89 -0.71 12.99 -0.74
CA ASP A 89 -0.19 13.96 -1.70
C ASP A 89 1.26 13.55 -1.90
N THR A 90 1.48 12.56 -2.77
CA THR A 90 2.82 12.00 -2.91
C THR A 90 3.80 13.02 -3.47
N ALA A 91 3.31 13.98 -4.27
CA ALA A 91 4.18 15.04 -4.78
C ALA A 91 4.81 15.85 -3.65
N ASN A 92 4.11 15.97 -2.52
CA ASN A 92 4.61 16.71 -1.37
C ASN A 92 5.06 15.80 -0.23
N ASN A 93 5.22 14.50 -0.50
CA ASN A 93 5.67 13.55 0.51
C ASN A 93 4.84 13.63 1.78
N LEU A 94 3.52 13.63 1.58
CA LEU A 94 2.60 13.98 2.65
C LEU A 94 1.41 13.02 2.66
N ILE A 95 1.02 12.60 3.85
CA ILE A 95 -0.27 11.94 4.07
C ILE A 95 -1.03 12.80 5.06
N THR A 96 -2.27 13.13 4.71
CA THR A 96 -3.14 13.90 5.59
C THR A 96 -4.28 13.01 6.05
N TYR A 97 -4.49 12.95 7.36
CA TYR A 97 -5.54 12.15 7.97
C TYR A 97 -6.56 13.09 8.60
N THR A 98 -7.82 12.98 8.18
CA THR A 98 -8.89 13.85 8.69
C THR A 98 -9.77 13.04 9.62
N PHE A 99 -9.93 13.53 10.85
CA PHE A 99 -10.70 12.79 11.84
C PHE A 99 -12.19 12.77 11.50
N THR A 100 -12.82 11.65 11.79
CA THR A 100 -14.26 11.47 11.58
C THR A 100 -15.00 11.82 12.87
N ASP A 101 -16.33 11.60 12.90
CA ASP A 101 -17.06 11.85 14.14
C ASP A 101 -16.73 10.85 15.23
N TYR A 102 -15.86 9.87 14.97
CA TYR A 102 -15.32 9.03 16.03
C TYR A 102 -14.81 9.87 17.20
N VAL A 103 -14.08 10.95 16.90
CA VAL A 103 -13.49 11.77 17.96
C VAL A 103 -14.50 12.72 18.59
N ASP A 104 -15.69 12.86 18.00
CA ASP A 104 -16.80 13.53 18.66
C ASP A 104 -17.59 12.61 19.56
N ARG A 105 -17.50 11.30 19.34
CA ARG A 105 -18.30 10.34 20.09
C ARG A 105 -17.52 9.66 21.21
N PHE A 106 -16.20 9.66 21.17
CA PHE A 106 -15.37 9.00 22.16
C PHE A 106 -14.26 9.92 22.64
N ASN A 107 -13.94 9.83 23.92
CA ASN A 107 -12.71 10.40 24.45
C ASN A 107 -11.62 9.32 24.49
N SER A 108 -10.42 9.73 24.89
CA SER A 108 -9.28 8.80 25.03
C SER A 108 -9.01 8.05 23.74
N VAL A 109 -9.08 8.76 22.61
CA VAL A 109 -8.90 8.14 21.30
C VAL A 109 -7.45 7.75 21.12
N LYS A 110 -7.24 6.51 20.69
CA LYS A 110 -5.91 5.98 20.37
C LYS A 110 -5.96 5.32 19.00
N MET A 111 -4.86 5.40 18.27
CA MET A 111 -4.78 4.87 16.92
C MET A 111 -3.48 4.12 16.74
N GLY A 112 -3.52 3.10 15.89
CA GLY A 112 -2.33 2.36 15.53
C GLY A 112 -2.13 2.40 14.03
N ILE A 113 -0.87 2.52 13.61
CA ILE A 113 -0.52 2.32 12.21
C ILE A 113 0.62 1.33 12.11
N ASN A 114 0.61 0.58 11.02
CA ASN A 114 1.58 -0.49 10.78
C ASN A 114 1.73 -0.58 9.26
N TYR A 115 2.73 0.13 8.73
CA TYR A 115 2.91 0.30 7.30
C TYR A 115 4.26 -0.24 6.88
N SER A 116 4.30 -0.81 5.67
CA SER A 116 5.55 -1.03 4.96
C SER A 116 5.72 0.13 3.99
N ILE A 117 6.81 0.87 4.13
CA ILE A 117 7.11 1.92 3.16
C ILE A 117 8.50 1.66 2.58
N TYR A 118 8.92 2.50 1.64
CA TYR A 118 10.00 2.13 0.75
C TYR A 118 11.02 3.24 0.64
N MET A 119 12.22 2.85 0.20
CA MET A 119 13.30 3.80 -0.01
C MET A 119 13.24 4.33 -1.44
N ASP A 120 13.36 5.65 -1.58
CA ASP A 120 13.31 6.33 -2.85
C ASP A 120 14.75 6.60 -3.30
N ALA A 121 15.16 5.98 -4.40
CA ALA A 121 16.52 6.08 -4.89
C ALA A 121 16.79 7.38 -5.64
N ASP A 122 15.78 8.25 -5.79
CA ASP A 122 15.93 9.47 -6.59
C ASP A 122 17.16 10.27 -6.17
N THR A 123 17.34 10.47 -4.87
CA THR A 123 18.46 11.25 -4.37
C THR A 123 19.61 10.38 -3.87
N ILE A 124 19.56 9.08 -4.13
CA ILE A 124 20.64 8.16 -3.75
C ILE A 124 21.21 7.52 -5.01
N PRO A 125 21.89 8.26 -5.88
CA PRO A 125 22.35 7.66 -7.14
C PRO A 125 23.49 6.66 -6.98
N VAL A 126 24.29 6.77 -5.92
CA VAL A 126 25.45 5.90 -5.72
C VAL A 126 25.50 5.44 -4.26
N ASP A 127 26.38 4.46 -4.00
CA ASP A 127 26.66 4.03 -2.64
C ASP A 127 26.88 5.24 -1.75
N LYS A 128 26.30 5.20 -0.55
CA LYS A 128 26.47 6.29 0.41
C LYS A 128 26.19 5.74 1.81
N LYS A 129 27.08 6.06 2.74
CA LYS A 129 26.89 5.63 4.12
C LYS A 129 25.96 6.60 4.86
N ASP A 130 25.22 6.05 5.83
CA ASP A 130 24.45 6.86 6.78
C ASP A 130 23.41 7.73 6.10
N VAL A 131 22.68 7.14 5.15
CA VAL A 131 21.61 7.87 4.48
C VAL A 131 20.41 7.97 5.43
N PRO A 132 19.88 9.16 5.66
CA PRO A 132 18.76 9.29 6.60
C PRO A 132 17.42 9.00 5.94
N PHE A 133 16.53 8.36 6.71
CA PHE A 133 15.14 8.15 6.35
C PHE A 133 14.29 8.64 7.50
N SER A 134 13.37 9.56 7.23
CA SER A 134 12.62 10.22 8.28
C SER A 134 11.12 10.19 7.99
N VAL A 135 10.34 10.00 9.04
CA VAL A 135 8.89 10.16 9.01
C VAL A 135 8.51 11.10 10.15
N THR A 136 7.69 12.10 9.86
CA THR A 136 7.19 13.02 10.88
C THR A 136 5.71 12.75 11.08
N ILE A 137 5.36 12.23 12.25
CA ILE A 137 3.97 11.97 12.62
C ILE A 137 3.53 13.11 13.53
N GLY A 138 2.61 13.93 13.06
CA GLY A 138 2.29 15.15 13.76
C GLY A 138 3.51 16.05 13.73
N ASN A 139 4.06 16.36 14.91
CA ASN A 139 5.25 17.18 15.02
C ASN A 139 6.48 16.39 15.48
N GLN A 140 6.40 15.08 15.60
CA GLN A 140 7.51 14.26 16.08
C GLN A 140 8.22 13.61 14.89
N ILE A 141 9.51 13.91 14.73
CA ILE A 141 10.31 13.32 13.66
C ILE A 141 10.95 12.04 14.17
N THR A 142 10.80 10.95 13.43
CA THR A 142 11.53 9.71 13.67
C THR A 142 12.50 9.51 12.51
N THR A 143 13.78 9.46 12.82
CA THR A 143 14.83 9.36 11.81
C THR A 143 15.61 8.07 12.02
N THR A 144 15.82 7.32 10.94
CA THR A 144 16.71 6.18 10.94
C THR A 144 17.67 6.33 9.78
N THR A 145 18.82 5.67 9.88
CA THR A 145 19.84 5.72 8.84
C THR A 145 20.21 4.31 8.40
N ALA A 146 20.77 4.23 7.20
CA ALA A 146 21.30 2.97 6.69
C ALA A 146 22.38 3.29 5.66
N ASP A 147 23.34 2.38 5.53
CA ASP A 147 24.31 2.45 4.44
C ASP A 147 23.69 1.82 3.20
N ILE A 148 23.69 2.55 2.10
CA ILE A 148 23.14 2.06 0.83
C ILE A 148 24.29 1.55 -0.02
N THR A 149 24.18 0.30 -0.48
CA THR A 149 25.23 -0.37 -1.24
C THR A 149 24.60 -1.04 -2.45
N TYR A 150 24.80 -0.47 -3.63
CA TYR A 150 24.19 -1.01 -4.84
C TYR A 150 25.03 -2.13 -5.43
N PRO A 151 24.41 -3.09 -6.11
CA PRO A 151 25.18 -4.10 -6.84
C PRO A 151 25.92 -3.49 -8.02
N ALA A 152 26.98 -4.19 -8.42
CA ALA A 152 27.77 -3.74 -9.56
C ALA A 152 27.06 -4.07 -10.87
N TYR A 153 27.33 -3.24 -11.88
CA TYR A 153 26.89 -3.57 -13.23
C TYR A 153 27.53 -4.88 -13.67
N LYS A 154 26.78 -5.65 -14.45
CA LYS A 154 27.33 -6.87 -15.03
C LYS A 154 28.29 -6.51 -16.15
N GLU A 155 29.41 -7.24 -16.22
CA GLU A 155 30.43 -7.00 -17.22
C GLU A 155 30.87 -8.31 -17.87
N ALA A 156 31.30 -8.20 -19.12
CA ALA A 156 31.93 -9.32 -19.82
C ALA A 156 32.84 -8.70 -20.87
N ASP A 157 34.15 -8.77 -20.64
CA ASP A 157 35.16 -8.08 -21.46
C ASP A 157 34.82 -6.59 -21.39
N ASN A 158 34.76 -5.87 -22.51
CA ASN A 158 34.43 -4.45 -22.49
C ASN A 158 32.94 -4.18 -22.52
N ASN A 159 32.11 -5.21 -22.50
CA ASN A 159 30.66 -5.04 -22.47
C ASN A 159 30.17 -4.90 -21.04
N SER A 160 29.20 -4.01 -20.84
CA SER A 160 28.63 -3.78 -19.52
C SER A 160 27.16 -3.41 -19.66
N ILE A 161 26.38 -3.74 -18.64
CA ILE A 161 24.93 -3.61 -18.72
C ILE A 161 24.35 -3.71 -17.32
N GLY A 162 23.21 -3.05 -17.12
CA GLY A 162 22.43 -3.23 -15.92
C GLY A 162 20.96 -3.09 -16.27
N SER A 163 20.10 -3.58 -15.38
CA SER A 163 18.67 -3.49 -15.65
C SER A 163 17.88 -3.64 -14.36
N ALA A 164 16.69 -3.03 -14.35
CA ALA A 164 15.77 -3.18 -13.24
C ALA A 164 14.35 -2.97 -13.75
N PHE A 165 13.41 -3.72 -13.18
CA PHE A 165 12.02 -3.34 -13.27
C PHE A 165 11.80 -2.11 -12.40
N THR A 166 11.16 -1.09 -12.95
CA THR A 166 10.96 0.15 -12.22
C THR A 166 9.52 0.42 -11.83
N GLU A 167 8.57 -0.22 -12.50
CA GLU A 167 7.16 -0.04 -12.20
C GLU A 167 6.42 -1.26 -12.72
N THR A 168 5.54 -1.83 -11.88
CA THR A 168 4.76 -3.00 -12.27
C THR A 168 3.36 -2.82 -11.74
N VAL A 169 2.38 -2.79 -12.63
CA VAL A 169 0.97 -2.75 -12.27
C VAL A 169 0.34 -4.00 -12.86
N SER A 170 0.24 -5.05 -12.04
CA SER A 170 -0.19 -6.37 -12.49
C SER A 170 -1.61 -6.62 -12.02
N HIS A 171 -2.49 -6.95 -12.97
CA HIS A 171 -3.86 -7.36 -12.68
C HIS A 171 -3.98 -8.83 -13.10
N VAL A 172 -3.39 -9.71 -12.29
CA VAL A 172 -3.41 -11.14 -12.60
C VAL A 172 -4.85 -11.64 -12.55
N GLY A 173 -5.32 -12.21 -13.66
CA GLY A 173 -6.67 -12.71 -13.76
C GLY A 173 -7.65 -11.78 -14.43
N ASN A 174 -7.27 -10.52 -14.67
CA ASN A 174 -8.13 -9.56 -15.36
C ASN A 174 -7.91 -9.69 -16.86
N VAL A 175 -8.96 -10.08 -17.58
CA VAL A 175 -8.83 -10.29 -19.01
C VAL A 175 -8.89 -8.98 -19.79
N GLU A 176 -9.65 -7.99 -19.29
CA GLU A 176 -9.77 -6.73 -20.00
C GLU A 176 -8.44 -5.97 -20.02
N ASP A 177 -7.70 -6.00 -18.92
CA ASP A 177 -6.45 -5.25 -18.82
C ASP A 177 -5.54 -5.94 -17.82
N PRO A 178 -4.66 -6.84 -18.28
CA PRO A 178 -3.72 -7.51 -17.36
C PRO A 178 -2.70 -6.59 -16.73
N GLY A 179 -2.57 -5.35 -17.20
CA GLY A 179 -1.63 -4.42 -16.62
C GLY A 179 -0.39 -4.20 -17.48
N TYR A 180 0.60 -3.55 -16.87
CA TYR A 180 1.81 -3.16 -17.59
C TYR A 180 2.99 -3.19 -16.65
N TYR A 181 4.19 -3.18 -17.23
CA TYR A 181 5.40 -3.06 -16.44
C TYR A 181 6.46 -2.33 -17.25
N ASN A 182 7.35 -1.64 -16.55
CA ASN A 182 8.43 -0.88 -17.14
C ASN A 182 9.76 -1.45 -16.70
N GLN A 183 10.70 -1.52 -17.64
CA GLN A 183 12.06 -1.93 -17.35
C GLN A 183 13.01 -0.86 -17.89
N VAL A 184 14.09 -0.65 -17.16
CA VAL A 184 15.15 0.26 -17.57
C VAL A 184 16.41 -0.57 -17.80
N VAL A 185 17.08 -0.33 -18.93
CA VAL A 185 18.32 -1.00 -19.25
C VAL A 185 19.39 0.07 -19.44
N TYR A 186 20.46 -0.02 -18.65
CA TYR A 186 21.64 0.81 -18.86
C TYR A 186 22.56 0.12 -19.86
N VAL A 187 22.77 0.76 -21.00
CA VAL A 187 23.60 0.22 -22.06
C VAL A 187 24.98 0.86 -21.97
N ASN A 188 26.02 0.04 -21.78
CA ASN A 188 27.40 0.48 -21.68
C ASN A 188 27.58 1.49 -20.55
N PRO A 189 27.18 1.18 -19.31
CA PRO A 189 27.37 2.15 -18.22
C PRO A 189 28.82 2.41 -17.89
N MET A 190 29.74 1.50 -18.23
CA MET A 190 31.16 1.72 -18.00
C MET A 190 31.78 2.66 -19.01
N ASP A 191 31.00 3.20 -19.95
CA ASP A 191 31.48 4.16 -20.94
C ASP A 191 32.70 3.64 -21.67
N LYS A 192 32.50 2.69 -22.58
CA LYS A 192 33.56 2.13 -23.39
C LYS A 192 33.30 2.43 -24.86
N ASP A 193 34.29 2.11 -25.69
CA ASP A 193 34.16 2.18 -27.14
C ASP A 193 33.91 0.77 -27.64
N LEU A 194 32.65 0.47 -27.97
CA LEU A 194 32.22 -0.85 -28.40
C LEU A 194 31.93 -0.84 -29.89
N LYS A 195 32.32 -1.90 -30.58
CA LYS A 195 32.18 -2.01 -32.03
C LYS A 195 30.98 -2.90 -32.36
N GLY A 196 30.04 -2.35 -33.12
CA GLY A 196 28.87 -3.10 -33.56
C GLY A 196 28.00 -3.56 -32.42
N ALA A 197 27.66 -2.63 -31.52
CA ALA A 197 26.86 -2.97 -30.36
C ALA A 197 25.42 -3.26 -30.75
N LYS A 198 24.85 -4.31 -30.15
CA LYS A 198 23.45 -4.66 -30.33
C LYS A 198 22.86 -5.06 -28.99
N LEU A 199 21.61 -4.67 -28.76
CA LEU A 199 20.90 -4.97 -27.52
C LEU A 199 19.68 -5.83 -27.85
N LYS A 200 19.59 -6.99 -27.22
CA LYS A 200 18.41 -7.84 -27.34
C LYS A 200 17.69 -7.85 -26.00
N VAL A 201 16.47 -7.32 -25.98
CA VAL A 201 15.59 -7.38 -24.82
C VAL A 201 14.52 -8.41 -25.12
N GLU A 202 14.33 -9.37 -24.21
CA GLU A 202 13.40 -10.46 -24.48
C GLU A 202 12.69 -10.86 -23.19
N ALA A 203 11.36 -10.99 -23.30
CA ALA A 203 10.57 -11.59 -22.22
C ALA A 203 10.62 -13.11 -22.41
N TYR A 204 11.82 -13.65 -22.22
CA TYR A 204 12.05 -15.05 -22.45
C TYR A 204 13.19 -15.53 -21.56
N HIS A 205 13.00 -16.70 -20.98
CA HIS A 205 14.02 -17.40 -20.22
C HIS A 205 13.67 -18.88 -20.25
N PRO A 206 14.63 -19.75 -20.54
CA PRO A 206 14.32 -21.19 -20.66
C PRO A 206 13.71 -21.80 -19.41
N LYS A 207 14.02 -21.26 -18.23
CA LYS A 207 13.52 -21.81 -16.98
C LYS A 207 12.07 -21.43 -16.68
N TYR A 208 11.47 -20.51 -17.44
CA TYR A 208 10.16 -19.95 -17.11
C TYR A 208 9.26 -20.02 -18.34
N PRO A 209 8.67 -21.19 -18.61
CA PRO A 209 7.84 -21.34 -19.81
C PRO A 209 6.49 -20.65 -19.72
N THR A 210 6.05 -20.22 -18.54
CA THR A 210 4.78 -19.54 -18.38
C THR A 210 4.95 -18.06 -18.06
N ASN A 211 6.13 -17.51 -18.33
CA ASN A 211 6.42 -16.09 -18.26
C ASN A 211 5.24 -15.25 -18.77
N ILE A 212 4.80 -14.28 -17.97
CA ILE A 212 3.75 -13.36 -18.40
C ILE A 212 4.30 -12.08 -18.99
N GLY A 213 5.62 -11.97 -19.13
CA GLY A 213 6.19 -10.88 -19.88
C GLY A 213 5.84 -10.97 -21.36
N GLN A 214 5.93 -9.83 -22.03
CA GLN A 214 5.47 -9.73 -23.41
C GLN A 214 6.16 -8.56 -24.08
N ILE A 215 6.70 -8.78 -25.27
CA ILE A 215 7.36 -7.75 -26.07
C ILE A 215 6.95 -7.94 -27.52
N ASN A 216 6.25 -6.96 -28.09
CA ASN A 216 5.96 -6.95 -29.52
C ASN A 216 5.58 -5.54 -29.93
N GLN A 217 5.49 -5.33 -31.25
CA GLN A 217 5.29 -3.99 -31.78
C GLN A 217 3.97 -3.37 -31.35
N ASN A 218 2.97 -4.19 -30.99
CA ASN A 218 1.67 -3.64 -30.65
C ASN A 218 1.58 -3.17 -29.20
N VAL A 219 2.29 -3.81 -28.28
CA VAL A 219 2.13 -3.55 -26.85
C VAL A 219 3.33 -2.86 -26.22
N THR A 220 4.47 -2.78 -26.91
CA THR A 220 5.72 -2.32 -26.33
C THR A 220 6.08 -0.94 -26.84
N ASN A 221 6.49 -0.06 -25.94
CA ASN A 221 6.98 1.27 -26.26
C ASN A 221 8.39 1.44 -25.72
N ILE A 222 9.31 1.82 -26.58
CA ILE A 222 10.74 1.89 -26.25
C ILE A 222 11.24 3.31 -26.45
N LYS A 223 11.95 3.83 -25.45
CA LYS A 223 12.65 5.11 -25.53
C LYS A 223 14.13 4.85 -25.29
N ILE A 224 14.98 5.60 -26.00
CA ILE A 224 16.43 5.47 -25.88
C ILE A 224 17.02 6.86 -25.64
N TYR A 225 17.90 6.98 -24.65
CA TYR A 225 18.55 8.23 -24.31
C TYR A 225 20.05 8.05 -24.27
N ARG A 226 20.78 9.05 -24.77
CA ARG A 226 22.23 9.07 -24.62
C ARG A 226 22.59 9.75 -23.31
N VAL A 227 23.58 9.18 -22.63
CA VAL A 227 24.06 9.71 -21.36
C VAL A 227 25.18 10.71 -21.65
N PRO A 228 25.08 11.95 -21.20
CA PRO A 228 26.16 12.92 -21.44
C PRO A 228 27.46 12.49 -20.76
N GLU A 229 28.55 13.04 -21.27
CA GLU A 229 29.87 12.79 -20.69
C GLU A 229 29.89 13.19 -19.21
N GLY A 230 30.43 12.31 -18.38
CA GLY A 230 30.59 12.60 -16.97
C GLY A 230 29.33 12.49 -16.13
N TYR A 231 28.19 12.20 -16.74
CA TYR A 231 26.97 12.02 -15.97
C TYR A 231 27.03 10.72 -15.18
N THR A 232 26.58 10.76 -13.93
CA THR A 232 26.53 9.58 -13.08
C THR A 232 25.12 9.00 -13.14
N LEU A 233 25.00 7.80 -13.71
CA LEU A 233 23.71 7.13 -13.77
C LEU A 233 23.24 6.75 -12.37
N ASN A 234 21.93 6.84 -12.15
CA ASN A 234 21.35 6.47 -10.87
C ASN A 234 21.35 4.95 -10.74
N LYS A 235 22.09 4.44 -9.75
CA LYS A 235 22.22 3.00 -9.59
C LYS A 235 20.94 2.33 -9.11
N GLY A 236 19.96 3.08 -8.64
CA GLY A 236 18.64 2.58 -8.33
C GLY A 236 17.69 2.62 -9.51
N TYR A 237 18.19 3.00 -10.68
CA TYR A 237 17.45 3.03 -11.95
C TYR A 237 16.31 4.04 -11.93
N ASP A 238 16.42 5.06 -11.08
CA ASP A 238 15.54 6.23 -11.13
C ASP A 238 16.10 7.16 -12.20
N VAL A 239 15.41 7.28 -13.33
CA VAL A 239 15.92 8.00 -14.49
C VAL A 239 15.23 9.36 -14.56
N ASN A 240 16.04 10.43 -14.57
CA ASN A 240 15.56 11.77 -14.85
C ASN A 240 15.87 12.05 -16.33
N THR A 241 14.84 11.89 -17.17
CA THR A 241 15.05 11.96 -18.61
C THR A 241 15.46 13.36 -19.07
N ASN A 242 15.13 14.41 -18.31
CA ASN A 242 15.55 15.75 -18.68
C ASN A 242 17.07 15.92 -18.63
N ASP A 243 17.76 15.07 -17.84
CA ASP A 243 19.21 15.12 -17.80
C ASP A 243 19.85 14.45 -19.01
N LEU A 244 19.09 13.67 -19.77
CA LEU A 244 19.63 12.89 -20.87
C LEU A 244 19.16 13.47 -22.20
N VAL A 245 19.72 12.94 -23.28
CA VAL A 245 19.39 13.35 -24.64
C VAL A 245 18.55 12.25 -25.28
N ASP A 246 17.32 12.57 -25.64
CA ASP A 246 16.44 11.62 -26.30
C ASP A 246 16.96 11.33 -27.70
N VAL A 247 17.30 10.07 -27.97
CA VAL A 247 17.78 9.65 -29.28
C VAL A 247 16.87 8.58 -29.89
N THR A 248 15.60 8.53 -29.48
CA THR A 248 14.70 7.50 -29.96
C THR A 248 14.51 7.59 -31.47
N ASP A 249 14.42 8.82 -32.00
CA ASP A 249 14.24 9.00 -33.44
C ASP A 249 15.38 8.42 -34.25
N GLU A 250 16.54 8.19 -33.64
CA GLU A 250 17.69 7.66 -34.37
C GLU A 250 17.67 6.15 -34.52
N PHE A 251 16.68 5.46 -33.95
CA PHE A 251 16.65 4.01 -33.97
C PHE A 251 15.57 3.45 -34.89
N LYS A 252 15.13 4.22 -35.86
CA LYS A 252 14.50 3.64 -37.04
C LYS A 252 15.56 2.84 -37.80
N ASN A 253 15.11 1.78 -38.48
CA ASN A 253 15.98 0.83 -39.18
C ASN A 253 16.81 0.00 -38.21
N LYS A 254 16.91 0.42 -36.95
CA LYS A 254 17.69 -0.28 -35.95
C LYS A 254 16.84 -1.02 -34.93
N MET A 255 15.52 -0.94 -35.04
CA MET A 255 14.60 -1.56 -34.11
C MET A 255 13.90 -2.71 -34.81
N THR A 256 14.08 -3.93 -34.29
CA THR A 256 13.57 -5.13 -34.94
C THR A 256 12.92 -6.04 -33.91
N TYR A 257 11.63 -6.27 -34.06
CA TYR A 257 10.95 -7.25 -33.22
C TYR A 257 11.15 -8.65 -33.79
N GLY A 258 11.23 -9.63 -32.88
CA GLY A 258 11.51 -11.00 -33.27
C GLY A 258 10.70 -11.99 -32.46
N SER A 259 10.97 -13.27 -32.72
CA SER A 259 10.22 -14.34 -32.07
C SER A 259 10.60 -14.45 -30.60
N ASN A 260 9.75 -15.13 -29.84
CA ASN A 260 9.95 -15.40 -28.41
C ASN A 260 10.07 -14.09 -27.61
N GLN A 261 9.15 -13.16 -27.89
CA GLN A 261 9.01 -11.93 -27.10
C GLN A 261 10.30 -11.10 -27.10
N SER A 262 10.90 -10.95 -28.27
CA SER A 262 12.19 -10.28 -28.37
C SER A 262 12.09 -9.00 -29.20
N VAL A 263 12.97 -8.06 -28.88
CA VAL A 263 13.21 -6.89 -29.72
C VAL A 263 14.72 -6.65 -29.74
N ASN A 264 15.23 -6.23 -30.88
CA ASN A 264 16.66 -6.04 -31.07
C ASN A 264 16.93 -4.60 -31.46
N LEU A 265 17.86 -3.96 -30.73
CA LEU A 265 18.26 -2.58 -30.98
C LEU A 265 19.70 -2.58 -31.48
N ASP A 266 19.91 -2.10 -32.70
CA ASP A 266 21.24 -2.00 -33.28
C ASP A 266 21.80 -0.62 -32.92
N PHE A 267 22.77 -0.60 -32.02
CA PHE A 267 23.43 0.64 -31.63
C PHE A 267 24.60 1.01 -32.53
N GLY A 268 25.20 0.03 -33.21
CA GLY A 268 26.38 0.31 -34.01
C GLY A 268 27.59 0.57 -33.13
N ASP A 269 28.51 1.39 -33.66
CA ASP A 269 29.68 1.81 -32.89
C ASP A 269 29.25 2.94 -31.95
N ILE A 270 29.49 2.76 -30.66
CA ILE A 270 29.12 3.75 -29.66
C ILE A 270 30.28 4.00 -28.72
N THR A 271 30.30 5.20 -28.13
CA THR A 271 31.32 5.58 -27.17
C THR A 271 30.71 6.19 -25.90
N SER A 272 29.39 6.19 -25.79
CA SER A 272 28.69 6.74 -24.63
C SER A 272 27.83 5.66 -23.99
N ALA A 273 27.24 6.00 -22.85
CA ALA A 273 26.25 5.15 -22.20
C ALA A 273 24.86 5.53 -22.70
N TYR A 274 23.98 4.52 -22.74
CA TYR A 274 22.61 4.72 -23.18
C TYR A 274 21.65 4.13 -22.16
N VAL A 275 20.50 4.78 -22.02
CA VAL A 275 19.41 4.32 -21.17
C VAL A 275 18.27 3.91 -22.09
N VAL A 276 17.84 2.67 -21.95
CA VAL A 276 16.73 2.12 -22.74
C VAL A 276 15.56 1.89 -21.80
N MET A 277 14.43 2.52 -22.09
CA MET A 277 13.23 2.41 -21.27
C MET A 277 12.20 1.60 -22.02
N VAL A 278 11.76 0.49 -21.43
CA VAL A 278 10.87 -0.46 -22.08
C VAL A 278 9.56 -0.50 -21.30
N ASN A 279 8.49 -0.02 -21.93
CA ASN A 279 7.14 -0.10 -21.39
C ASN A 279 6.35 -1.11 -22.21
N THR A 280 5.66 -2.02 -21.54
CA THR A 280 4.95 -3.08 -22.24
C THR A 280 3.85 -3.64 -21.36
N LYS A 281 2.96 -4.42 -21.97
CA LYS A 281 1.78 -4.97 -21.32
C LYS A 281 2.01 -6.41 -20.88
N PHE A 282 1.50 -6.76 -19.70
CA PHE A 282 1.48 -8.15 -19.27
C PHE A 282 0.60 -9.00 -20.18
N GLN A 283 0.95 -10.28 -20.31
CA GLN A 283 0.02 -11.26 -20.83
C GLN A 283 -1.01 -11.61 -19.77
N TYR A 284 -2.22 -11.94 -20.21
CA TYR A 284 -3.21 -12.49 -19.31
C TYR A 284 -2.80 -13.87 -18.82
N THR A 285 -3.18 -14.22 -17.60
CA THR A 285 -2.95 -15.58 -17.12
C THR A 285 -4.05 -16.03 -16.17
N ASN A 286 -4.36 -17.32 -16.25
CA ASN A 286 -5.26 -17.99 -15.30
C ASN A 286 -4.58 -18.30 -13.97
N SER A 287 -3.25 -18.38 -13.95
CA SER A 287 -2.56 -18.97 -12.82
C SER A 287 -2.57 -18.04 -11.62
N GLU A 288 -2.34 -18.64 -10.45
CA GLU A 288 -2.38 -17.91 -9.18
C GLU A 288 -1.06 -17.20 -8.89
N SER A 289 0.06 -17.80 -9.26
CA SER A 289 1.39 -17.27 -8.95
C SER A 289 2.25 -17.23 -10.21
N PRO A 290 1.96 -16.33 -11.13
CA PRO A 290 2.77 -16.23 -12.35
C PRO A 290 4.12 -15.58 -12.05
N THR A 291 5.02 -15.69 -13.04
CA THR A 291 6.36 -15.13 -12.95
C THR A 291 6.63 -14.26 -14.17
N LEU A 292 7.33 -13.15 -13.95
CA LEU A 292 7.78 -12.26 -15.01
C LEU A 292 9.30 -12.30 -15.06
N VAL A 293 9.86 -12.57 -16.24
CA VAL A 293 11.30 -12.53 -16.45
C VAL A 293 11.56 -11.80 -17.76
N GLN A 294 12.46 -10.81 -17.73
CA GLN A 294 12.83 -10.08 -18.92
C GLN A 294 14.33 -9.86 -18.92
N MET A 295 14.99 -10.31 -19.98
CA MET A 295 16.44 -10.31 -20.07
C MET A 295 16.90 -9.25 -21.08
N ALA A 296 18.13 -8.80 -20.90
CA ALA A 296 18.75 -7.86 -21.82
C ALA A 296 20.20 -8.30 -22.06
N THR A 297 20.57 -8.41 -23.33
CA THR A 297 21.89 -8.91 -23.71
C THR A 297 22.56 -7.90 -24.63
N LEU A 298 23.75 -7.45 -24.23
CA LEU A 298 24.55 -6.54 -25.04
C LEU A 298 25.71 -7.31 -25.67
N SER A 299 25.80 -7.23 -27.00
CA SER A 299 26.87 -7.87 -27.73
C SER A 299 27.59 -6.84 -28.59
N SER A 300 28.88 -7.07 -28.79
CA SER A 300 29.69 -6.21 -29.66
C SER A 300 30.89 -7.01 -30.13
N THR A 301 31.62 -6.42 -31.09
CA THR A 301 32.73 -7.13 -31.71
C THR A 301 33.89 -7.29 -30.73
N GLY A 302 34.48 -8.49 -30.75
CA GLY A 302 35.66 -8.75 -29.95
C GLY A 302 35.44 -8.81 -28.46
N ASN A 303 34.18 -8.94 -28.01
CA ASN A 303 33.89 -9.02 -26.59
C ASN A 303 32.87 -10.13 -26.35
N LYS A 304 33.01 -10.80 -25.21
CA LYS A 304 31.96 -11.69 -24.74
C LYS A 304 30.68 -10.90 -24.60
N SER A 305 29.56 -11.51 -25.00
CA SER A 305 28.27 -10.89 -24.73
C SER A 305 28.01 -10.89 -23.24
N VAL A 306 27.40 -9.82 -22.75
CA VAL A 306 27.03 -9.70 -21.35
C VAL A 306 25.52 -9.68 -21.27
N SER A 307 24.98 -10.44 -20.32
CA SER A 307 23.54 -10.51 -20.13
C SER A 307 23.18 -10.09 -18.72
N THR A 308 22.01 -9.49 -18.58
CA THR A 308 21.41 -9.27 -17.28
C THR A 308 19.91 -9.41 -17.44
N GLY A 309 19.20 -9.39 -16.33
CA GLY A 309 17.76 -9.53 -16.39
C GLY A 309 17.17 -9.35 -15.02
N ASN A 310 15.84 -9.39 -14.98
CA ASN A 310 15.10 -9.21 -13.76
C ASN A 310 13.92 -10.17 -13.75
N ALA A 311 13.59 -10.67 -12.56
CA ALA A 311 12.50 -11.62 -12.38
C ALA A 311 11.62 -11.18 -11.22
N LEU A 312 10.31 -11.41 -11.37
CA LEU A 312 9.34 -11.05 -10.34
C LEU A 312 8.19 -12.04 -10.33
N GLY A 313 7.66 -12.28 -9.13
CA GLY A 313 6.47 -13.11 -8.97
C GLY A 313 5.26 -12.28 -8.58
N PHE A 314 4.05 -12.77 -8.88
CA PHE A 314 2.83 -12.02 -8.64
C PHE A 314 1.76 -12.95 -8.08
N THR A 315 0.61 -12.36 -7.73
CA THR A 315 -0.50 -13.08 -7.11
C THR A 315 -1.80 -12.65 -7.77
N ASN A 316 -2.74 -13.59 -7.84
CA ASN A 316 -4.07 -13.31 -8.40
C ASN A 316 -4.99 -12.67 -7.38
N GLN A 324 -18.92 -14.41 -3.26
CA GLN A 324 -19.57 -13.11 -3.06
C GLN A 324 -19.02 -12.40 -1.83
N GLU A 325 -19.29 -11.10 -1.75
CA GLU A 325 -18.75 -10.28 -0.68
C GLU A 325 -19.51 -10.52 0.62
N VAL A 326 -18.79 -10.37 1.73
CA VAL A 326 -19.37 -10.49 3.06
C VAL A 326 -19.02 -9.22 3.84
N TYR A 327 -19.78 -8.99 4.91
CA TYR A 327 -19.66 -7.74 5.66
C TYR A 327 -19.77 -8.04 7.15
N LYS A 328 -19.63 -7.00 7.96
CA LYS A 328 -19.66 -7.08 9.41
C LYS A 328 -20.89 -6.37 9.97
N ILE A 329 -21.43 -6.90 11.05
CA ILE A 329 -22.48 -6.26 11.83
C ILE A 329 -21.89 -5.88 13.19
N GLY A 330 -22.36 -4.76 13.74
CA GLY A 330 -21.98 -4.36 15.08
C GLY A 330 -22.86 -3.23 15.58
N ASN A 331 -22.39 -2.53 16.61
CA ASN A 331 -21.07 -2.68 17.22
C ASN A 331 -20.90 -2.12 18.63
N TYR A 332 -21.98 -1.78 19.35
CA TYR A 332 -21.82 -1.00 20.57
C TYR A 332 -22.91 -1.30 21.59
N VAL A 333 -22.50 -1.63 22.82
CA VAL A 333 -23.38 -1.62 23.97
C VAL A 333 -22.84 -0.58 24.95
N TRP A 334 -23.69 0.37 25.35
CA TRP A 334 -23.18 1.49 26.15
C TRP A 334 -24.11 1.78 27.31
N GLU A 335 -23.54 2.42 28.34
CA GLU A 335 -24.31 2.83 29.51
C GLU A 335 -24.86 4.22 29.25
N ASP A 336 -26.16 4.29 29.03
CA ASP A 336 -26.85 5.51 28.59
C ASP A 336 -27.24 6.31 29.84
N THR A 337 -26.25 7.05 30.35
CA THR A 337 -26.36 7.64 31.69
C THR A 337 -27.59 8.50 31.84
N ASN A 338 -27.92 9.31 30.83
CA ASN A 338 -29.04 10.23 30.97
C ASN A 338 -30.35 9.65 30.45
N LYS A 339 -30.36 8.36 30.07
CA LYS A 339 -31.57 7.59 29.75
C LYS A 339 -32.32 8.11 28.52
N ASN A 340 -31.70 8.94 27.68
CA ASN A 340 -32.44 9.51 26.57
C ASN A 340 -32.42 8.64 25.33
N GLY A 341 -31.69 7.53 25.34
CA GLY A 341 -31.68 6.63 24.20
C GLY A 341 -30.70 7.00 23.11
N VAL A 342 -29.84 7.98 23.33
CA VAL A 342 -28.90 8.47 22.32
C VAL A 342 -27.48 8.35 22.85
N GLN A 343 -26.58 7.85 21.99
CA GLN A 343 -25.18 7.74 22.33
C GLN A 343 -24.54 9.12 22.35
N GLU A 344 -23.89 9.47 23.45
CA GLU A 344 -23.32 10.79 23.62
C GLU A 344 -21.90 10.71 24.17
N LEU A 345 -21.09 11.70 23.80
CA LEU A 345 -19.72 11.79 24.30
C LEU A 345 -19.70 11.78 25.82
N GLY A 346 -18.90 10.89 26.40
CA GLY A 346 -18.81 10.74 27.83
C GLY A 346 -19.58 9.55 28.36
N GLU A 347 -20.54 9.05 27.62
CA GLU A 347 -21.20 7.80 27.96
C GLU A 347 -20.35 6.65 27.41
N LYS A 348 -20.15 5.63 28.22
CA LYS A 348 -19.11 4.64 27.99
C LYS A 348 -19.70 3.28 27.66
N GLY A 349 -18.93 2.49 26.91
CA GLY A 349 -19.35 1.15 26.56
C GLY A 349 -19.42 0.23 27.76
N VAL A 350 -20.16 -0.87 27.58
CA VAL A 350 -20.38 -1.86 28.63
C VAL A 350 -19.85 -3.20 28.14
N GLY A 351 -18.97 -3.83 28.91
CA GLY A 351 -18.45 -5.12 28.54
C GLY A 351 -19.30 -6.28 29.05
N ASN A 352 -18.99 -7.47 28.53
CA ASN A 352 -19.53 -8.74 29.01
C ASN A 352 -21.00 -8.94 28.65
N VAL A 353 -21.51 -8.25 27.63
CA VAL A 353 -22.89 -8.43 27.19
C VAL A 353 -22.90 -9.36 25.99
N THR A 354 -23.83 -10.32 26.00
CA THR A 354 -23.90 -11.32 24.95
C THR A 354 -24.69 -10.78 23.77
N VAL A 355 -24.16 -10.99 22.56
CA VAL A 355 -24.87 -10.68 21.32
C VAL A 355 -24.97 -11.96 20.52
N THR A 356 -26.16 -12.26 20.01
CA THR A 356 -26.40 -13.43 19.18
C THR A 356 -27.14 -12.98 17.94
N VAL A 357 -26.64 -13.38 16.77
CA VAL A 357 -27.16 -12.87 15.50
C VAL A 357 -27.68 -14.05 14.67
N PHE A 358 -28.85 -13.84 14.07
CA PHE A 358 -29.52 -14.84 13.27
C PHE A 358 -29.85 -14.26 11.91
N ASP A 359 -29.74 -15.08 10.88
CA ASP A 359 -30.39 -14.75 9.62
C ASP A 359 -31.90 -14.78 9.88
N ASN A 360 -32.55 -13.62 9.76
CA ASN A 360 -33.94 -13.55 10.15
C ASN A 360 -34.87 -14.25 9.17
N ASN A 361 -34.41 -14.52 7.95
CA ASN A 361 -35.24 -15.18 6.96
C ASN A 361 -35.19 -16.70 7.06
N THR A 362 -34.16 -17.26 7.70
CA THR A 362 -34.03 -18.70 7.89
C THR A 362 -34.01 -19.09 9.36
N ASN A 363 -33.97 -18.13 10.29
CA ASN A 363 -33.79 -18.36 11.72
C ASN A 363 -32.58 -19.23 12.01
N THR A 364 -31.50 -19.02 11.27
CA THR A 364 -30.26 -19.76 11.47
C THR A 364 -29.24 -18.84 12.12
N LYS A 365 -28.59 -19.33 13.18
CA LYS A 365 -27.57 -18.55 13.87
C LYS A 365 -26.38 -18.33 12.95
N VAL A 366 -25.93 -17.08 12.84
CA VAL A 366 -24.82 -16.72 11.96
C VAL A 366 -23.64 -16.11 12.70
N GLY A 367 -23.77 -15.80 13.99
CA GLY A 367 -22.63 -15.27 14.73
C GLY A 367 -23.02 -14.96 16.15
N GLU A 368 -22.00 -14.75 16.98
CA GLU A 368 -22.21 -14.33 18.35
C GLU A 368 -20.95 -13.65 18.86
N ALA A 369 -21.13 -12.84 19.90
CA ALA A 369 -20.01 -12.13 20.48
C ALA A 369 -20.31 -11.84 21.94
N VAL A 370 -19.26 -11.42 22.66
CA VAL A 370 -19.38 -10.86 23.99
C VAL A 370 -18.67 -9.52 23.96
N THR A 371 -19.35 -8.45 24.37
CA THR A 371 -18.76 -7.12 24.22
C THR A 371 -17.48 -6.99 25.04
N LYS A 372 -16.50 -6.32 24.45
CA LYS A 372 -15.27 -6.01 25.15
C LYS A 372 -15.51 -4.87 26.13
N GLU A 373 -14.48 -4.56 26.94
CA GLU A 373 -14.63 -3.54 27.98
C GLU A 373 -15.04 -2.19 27.41
N ASP A 374 -14.68 -1.90 26.17
CA ASP A 374 -15.09 -0.65 25.53
C ASP A 374 -16.48 -0.72 24.92
N GLY A 375 -17.22 -1.81 25.16
CA GLY A 375 -18.57 -1.97 24.66
C GLY A 375 -18.68 -2.46 23.23
N SER A 376 -17.56 -2.75 22.59
CA SER A 376 -17.57 -3.07 21.16
C SER A 376 -17.84 -4.55 20.91
N TYR A 377 -18.44 -4.83 19.76
CA TYR A 377 -18.51 -6.17 19.24
C TYR A 377 -18.59 -6.09 17.72
N LEU A 378 -18.19 -7.18 17.06
CA LEU A 378 -18.32 -7.30 15.62
C LEU A 378 -18.74 -8.72 15.28
N ILE A 379 -19.59 -8.85 14.27
CA ILE A 379 -20.06 -10.13 13.75
C ILE A 379 -19.65 -10.22 12.29
N PRO A 380 -18.64 -11.00 11.93
CA PRO A 380 -18.11 -10.98 10.58
C PRO A 380 -18.74 -12.02 9.66
N ASN A 381 -18.37 -11.95 8.39
CA ASN A 381 -18.64 -12.99 7.40
C ASN A 381 -20.13 -13.10 7.06
N LEU A 382 -20.82 -11.96 7.01
CA LEU A 382 -22.24 -11.95 6.73
C LEU A 382 -22.49 -11.43 5.32
N PRO A 383 -23.12 -12.22 4.45
CA PRO A 383 -23.52 -11.70 3.14
C PRO A 383 -24.74 -10.81 3.29
N ASN A 384 -25.14 -10.18 2.18
CA ASN A 384 -26.36 -9.37 2.19
C ASN A 384 -27.53 -10.19 2.70
N GLY A 385 -28.32 -9.57 3.56
CA GLY A 385 -29.45 -10.27 4.14
C GLY A 385 -30.05 -9.44 5.25
N ASP A 386 -31.06 -10.03 5.89
CA ASP A 386 -31.72 -9.44 7.04
C ASP A 386 -31.34 -10.24 8.27
N TYR A 387 -30.87 -9.56 9.31
CA TYR A 387 -30.29 -10.23 10.46
C TYR A 387 -30.96 -9.76 11.74
N ARG A 388 -31.38 -10.73 12.56
CA ARG A 388 -31.92 -10.43 13.88
C ARG A 388 -30.78 -10.43 14.89
N VAL A 389 -30.64 -9.32 15.61
CA VAL A 389 -29.58 -9.13 16.59
C VAL A 389 -30.21 -9.18 17.97
N GLU A 390 -29.81 -10.15 18.78
CA GLU A 390 -30.38 -10.36 20.12
C GLU A 390 -29.30 -10.09 21.17
N PHE A 391 -29.57 -9.13 22.05
CA PHE A 391 -28.71 -8.88 23.21
C PHE A 391 -29.25 -9.63 24.42
N SER A 392 -28.33 -10.12 25.25
CA SER A 392 -28.71 -10.82 26.48
C SER A 392 -27.57 -10.73 27.46
N ASN A 393 -27.81 -11.24 28.68
CA ASN A 393 -26.84 -11.23 29.78
C ASN A 393 -26.36 -9.81 30.09
N LEU A 394 -27.32 -8.89 30.22
CA LEU A 394 -27.00 -7.55 30.68
C LEU A 394 -26.50 -7.61 32.13
N PRO A 395 -25.71 -6.63 32.56
CA PRO A 395 -25.31 -6.60 33.96
C PRO A 395 -26.52 -6.53 34.88
N LYS A 396 -26.39 -7.16 36.05
N LYS A 396 -26.36 -7.09 36.09
CA LYS A 396 -27.48 -7.14 37.01
CA LYS A 396 -27.48 -7.45 36.95
C LYS A 396 -27.76 -5.70 37.45
C LYS A 396 -28.49 -6.31 37.13
N GLY A 397 -29.05 -5.40 37.63
N GLY A 397 -28.04 -5.13 37.54
CA GLY A 397 -29.49 -4.07 37.98
CA GLY A 397 -28.96 -4.09 37.93
C GLY A 397 -29.81 -3.17 36.80
C GLY A 397 -29.35 -3.08 36.86
N TYR A 398 -29.38 -3.52 35.60
CA TYR A 398 -29.54 -2.63 34.46
C TYR A 398 -30.85 -2.86 33.73
N GLU A 399 -31.37 -1.77 33.16
CA GLU A 399 -32.58 -1.77 32.33
C GLU A 399 -32.23 -1.31 30.92
N VAL A 400 -33.09 -1.67 29.99
CA VAL A 400 -32.90 -1.27 28.60
C VAL A 400 -33.42 0.15 28.41
N THR A 401 -32.61 1.00 27.78
CA THR A 401 -32.98 2.39 27.51
C THR A 401 -34.03 2.43 26.40
N PRO A 402 -34.74 3.56 26.22
CA PRO A 402 -35.75 3.61 25.15
C PRO A 402 -35.13 3.45 23.77
N SER A 403 -35.85 2.74 22.90
CA SER A 403 -35.34 2.37 21.59
C SER A 403 -35.73 3.38 20.53
N LYS A 404 -34.86 3.51 19.52
CA LYS A 404 -35.11 4.33 18.33
C LYS A 404 -35.43 5.78 18.67
N GLN A 405 -34.69 6.35 19.61
CA GLN A 405 -34.81 7.76 19.93
C GLN A 405 -33.83 8.59 19.09
N GLY A 406 -34.09 9.89 19.00
CA GLY A 406 -33.16 10.82 18.42
C GLY A 406 -33.12 10.90 16.91
N ASN A 407 -34.01 10.20 16.20
CA ASN A 407 -34.09 10.26 14.74
C ASN A 407 -32.74 10.03 14.07
N ASN A 408 -32.02 9.03 14.55
CA ASN A 408 -30.74 8.66 13.94
C ASN A 408 -30.46 7.21 14.34
N GLU A 409 -30.67 6.28 13.40
CA GLU A 409 -30.52 4.86 13.71
C GLU A 409 -29.07 4.43 13.87
N GLU A 410 -28.10 5.31 13.67
CA GLU A 410 -26.71 5.00 13.96
C GLU A 410 -26.29 5.41 15.37
N LEU A 411 -27.09 6.25 16.05
CA LEU A 411 -26.73 6.74 17.37
C LEU A 411 -27.75 6.36 18.45
N ASP A 412 -28.72 5.51 18.12
CA ASP A 412 -29.79 5.18 19.05
C ASP A 412 -29.53 3.82 19.68
N SER A 413 -30.53 3.30 20.38
CA SER A 413 -30.53 1.94 20.90
C SER A 413 -31.58 1.13 20.12
N ASN A 414 -31.19 -0.09 19.72
CA ASN A 414 -32.12 -0.95 18.99
C ASN A 414 -33.03 -1.73 19.92
N GLY A 415 -32.70 -1.81 21.21
CA GLY A 415 -33.40 -2.69 22.11
C GLY A 415 -32.84 -4.09 22.06
N LEU A 416 -33.46 -4.98 22.86
CA LEU A 416 -32.91 -6.32 23.05
C LEU A 416 -32.95 -7.13 21.76
N SER A 417 -33.99 -6.96 20.95
CA SER A 417 -34.14 -7.73 19.71
C SER A 417 -34.60 -6.79 18.60
N SER A 418 -33.89 -6.82 17.47
CA SER A 418 -34.22 -5.98 16.33
C SER A 418 -33.66 -6.65 15.09
N VAL A 419 -34.15 -6.21 13.94
CA VAL A 419 -33.70 -6.72 12.64
C VAL A 419 -33.06 -5.57 11.87
N ILE A 420 -31.86 -5.82 11.32
CA ILE A 420 -31.18 -4.86 10.46
C ILE A 420 -30.79 -5.57 9.17
N THR A 421 -30.60 -4.77 8.12
CA THR A 421 -30.30 -5.27 6.79
C THR A 421 -28.86 -4.94 6.42
N VAL A 422 -28.13 -5.94 5.96
CA VAL A 422 -26.82 -5.76 5.36
C VAL A 422 -27.01 -5.64 3.85
N ASN A 423 -26.52 -4.53 3.27
CA ASN A 423 -26.69 -4.30 1.84
C ASN A 423 -25.42 -3.62 1.31
N GLY A 424 -24.45 -4.43 0.91
CA GLY A 424 -23.28 -3.92 0.22
C GLY A 424 -22.27 -3.19 1.06
N LYS A 425 -22.41 -3.19 2.39
CA LYS A 425 -21.46 -2.54 3.27
C LYS A 425 -21.71 -3.04 4.69
N ASP A 426 -20.73 -2.81 5.57
CA ASP A 426 -20.93 -3.09 6.98
C ASP A 426 -22.16 -2.34 7.50
N ASN A 427 -22.85 -2.95 8.46
CA ASN A 427 -23.93 -2.29 9.19
C ASN A 427 -23.58 -2.32 10.66
N LEU A 428 -23.02 -1.21 11.16
CA LEU A 428 -22.58 -1.12 12.55
C LEU A 428 -23.62 -0.47 13.46
N SER A 429 -24.88 -0.43 13.04
CA SER A 429 -25.91 0.33 13.72
C SER A 429 -26.71 -0.47 14.73
N ALA A 430 -26.40 -1.76 14.95
CA ALA A 430 -27.14 -2.57 15.91
C ALA A 430 -26.51 -2.37 17.29
N ASP A 431 -26.96 -1.33 17.99
CA ASP A 431 -26.39 -0.92 19.27
C ASP A 431 -27.44 -1.06 20.37
N LEU A 432 -26.97 -1.15 21.61
CA LEU A 432 -27.87 -1.29 22.75
C LEU A 432 -27.47 -0.32 23.85
N GLY A 433 -28.43 0.46 24.34
CA GLY A 433 -28.21 1.36 25.46
C GLY A 433 -28.89 0.80 26.71
N ILE A 434 -28.16 0.83 27.83
CA ILE A 434 -28.68 0.34 29.10
C ILE A 434 -28.33 1.36 30.18
N TYR A 435 -29.11 1.33 31.26
CA TYR A 435 -28.82 2.17 32.41
C TYR A 435 -29.22 1.42 33.68
N LYS A 436 -28.69 1.89 34.80
CA LYS A 436 -28.98 1.29 36.10
C LYS A 436 -29.75 2.28 36.96
N PRO A 437 -31.02 2.02 37.26
CA PRO A 437 -31.77 2.93 38.12
C PRO A 437 -31.19 2.97 39.53
N LYS A 438 -31.28 4.16 40.15
CA LYS A 438 -30.92 4.31 41.54
C LYS A 438 -32.11 4.54 42.46
N TYR A 439 -33.27 4.89 41.90
CA TYR A 439 -34.43 5.27 42.70
C TYR A 439 -35.67 4.46 42.37
#